data_1AZM
#
_entry.id   1AZM
#
_cell.length_a   81.850
_cell.length_b   75.310
_cell.length_c   37.760
_cell.angle_alpha   90.00
_cell.angle_beta   90.00
_cell.angle_gamma   90.00
#
_symmetry.space_group_name_H-M   'P 21 21 21'
#
loop_
_entity.id
_entity.type
_entity.pdbx_description
1 polymer 'CARBONIC ANHYDRASE I'
2 non-polymer 'ZINC ION'
3 non-polymer 5-ACETAMIDO-1,3,4-THIADIAZOLE-2-SULFONAMIDE
4 water water
#
_entity_poly.entity_id   1
_entity_poly.type   'polypeptide(L)'
_entity_poly.pdbx_seq_one_letter_code
;ASPDWGYDDKNGPEQWSKLYPIANGNNQSPVDIKTSETKHDTSLKPISVSYNPATAKEIINVGHSFHVNFEDNDNRSVLK
GGPFSDSYRLFQFHFHWGSTNEHGSEHTVDGVKYSAELHVAHWNSAKYSSLAEAASKADGLAVIGVLMKVGEANPKLQKV
LDALQAIKTKGKRAPFTNFDPSTLLPSSLDFWTYPGSLTHPPLYESVTWIICKESISVSSEQLAQFRSLLSNVEGDNAVP
MQHNNRPTQPLKGRTVRASF
;
_entity_poly.pdbx_strand_id   A
#
loop_
_chem_comp.id
_chem_comp.type
_chem_comp.name
_chem_comp.formula
AZM non-polymer 5-ACETAMIDO-1,3,4-THIADIAZOLE-2-SULFONAMIDE 'C4 H6 N4 O3 S2'
ZN non-polymer 'ZINC ION' 'Zn 2'
#
# COMPACT_ATOMS: atom_id res chain seq x y z
N PRO A 3 8.70 13.69 13.39
CA PRO A 3 9.28 12.76 12.37
C PRO A 3 9.87 13.58 11.22
N ASP A 4 9.06 14.54 10.81
CA ASP A 4 9.44 15.48 9.74
C ASP A 4 10.34 14.82 8.67
N TRP A 5 9.64 14.27 7.71
CA TRP A 5 10.08 13.62 6.48
C TRP A 5 8.93 13.89 5.48
N GLY A 6 9.23 13.81 4.20
CA GLY A 6 8.20 14.04 3.18
C GLY A 6 8.64 13.42 1.86
N TYR A 7 8.08 13.99 0.82
CA TYR A 7 8.31 13.60 -0.57
C TYR A 7 8.86 14.76 -1.39
N ASP A 8 9.09 15.90 -0.75
CA ASP A 8 9.65 17.10 -1.47
C ASP A 8 11.15 16.99 -1.50
N ASP A 9 11.82 17.81 -2.29
CA ASP A 9 13.27 17.79 -2.46
C ASP A 9 14.08 17.85 -1.18
N LYS A 10 13.64 18.57 -0.21
CA LYS A 10 14.18 18.83 1.09
C LYS A 10 14.27 17.62 2.01
N ASN A 11 13.10 16.98 2.13
CA ASN A 11 12.96 15.84 3.05
C ASN A 11 12.50 14.53 2.41
N GLY A 12 12.67 14.40 1.13
CA GLY A 12 12.28 13.31 0.29
C GLY A 12 13.06 12.03 0.49
N PRO A 13 12.72 11.05 -0.35
CA PRO A 13 13.33 9.74 -0.35
C PRO A 13 14.84 9.72 -0.42
N GLU A 14 15.36 10.72 -1.15
CA GLU A 14 16.81 10.85 -1.37
C GLU A 14 17.54 11.35 -0.16
N GLN A 15 16.80 11.78 0.85
CA GLN A 15 17.32 12.31 2.11
C GLN A 15 17.03 11.46 3.34
N TRP A 16 16.01 10.61 3.29
CA TRP A 16 15.54 9.74 4.37
C TRP A 16 16.71 8.99 5.04
N SER A 17 17.72 8.65 4.26
CA SER A 17 18.86 7.88 4.81
C SER A 17 19.48 8.61 6.01
N LYS A 18 19.46 9.93 5.87
CA LYS A 18 20.04 10.83 6.86
C LYS A 18 19.48 10.66 8.26
N LEU A 19 18.18 10.54 8.36
CA LEU A 19 17.48 10.37 9.64
C LEU A 19 17.20 8.90 9.98
N TYR A 20 17.06 8.08 8.95
CA TYR A 20 16.75 6.64 9.09
C TYR A 20 17.75 5.80 8.29
N PRO A 21 18.79 5.35 8.97
CA PRO A 21 19.81 4.52 8.31
C PRO A 21 19.24 3.29 7.63
N ILE A 22 18.24 2.63 8.17
CA ILE A 22 17.69 1.42 7.53
C ILE A 22 17.31 1.68 6.07
N ALA A 23 17.11 2.97 5.76
CA ALA A 23 16.76 3.34 4.41
C ALA A 23 17.70 2.69 3.38
N ASN A 24 18.96 2.50 3.75
CA ASN A 24 19.97 1.90 2.87
C ASN A 24 20.10 0.41 3.22
N GLY A 25 19.09 -0.22 3.76
CA GLY A 25 19.13 -1.65 4.12
C GLY A 25 19.22 -2.56 2.91
N ASN A 26 19.14 -3.84 3.15
CA ASN A 26 19.19 -4.90 2.15
C ASN A 26 17.82 -5.48 1.82
N ASN A 27 16.81 -5.05 2.59
CA ASN A 27 15.47 -5.60 2.27
C ASN A 27 14.45 -4.41 2.11
N GLN A 28 14.91 -3.42 1.33
CA GLN A 28 14.09 -2.22 1.11
C GLN A 28 13.11 -2.39 -0.05
N SER A 29 11.96 -1.70 0.10
CA SER A 29 10.91 -1.67 -0.92
C SER A 29 10.65 -0.23 -1.40
N PRO A 30 10.07 -0.07 -2.61
CA PRO A 30 9.68 -1.09 -3.57
C PRO A 30 10.82 -1.55 -4.44
N VAL A 31 10.59 -2.46 -5.34
CA VAL A 31 11.56 -3.03 -6.26
C VAL A 31 10.94 -3.22 -7.65
N ASP A 32 11.89 -3.40 -8.58
CA ASP A 32 11.43 -3.67 -10.00
C ASP A 32 11.35 -5.22 -10.10
N ILE A 33 10.25 -5.71 -10.59
CA ILE A 33 9.99 -7.12 -10.79
C ILE A 33 10.31 -7.49 -12.26
N LYS A 34 11.45 -8.16 -12.45
CA LYS A 34 11.85 -8.61 -13.79
C LYS A 34 11.25 -9.99 -14.04
N THR A 35 10.23 -10.03 -14.87
CA THR A 35 9.50 -11.25 -15.18
C THR A 35 10.37 -12.39 -15.62
N SER A 36 11.46 -12.13 -16.31
CA SER A 36 12.35 -13.23 -16.76
C SER A 36 13.17 -13.89 -15.66
N GLU A 37 13.29 -13.22 -14.50
CA GLU A 37 14.05 -13.72 -13.37
C GLU A 37 13.21 -14.17 -12.21
N THR A 38 11.91 -14.25 -12.36
CA THR A 38 11.08 -14.73 -11.23
C THR A 38 11.12 -16.27 -11.21
N LYS A 39 10.88 -16.84 -10.05
CA LYS A 39 10.90 -18.30 -9.85
C LYS A 39 9.58 -18.87 -9.43
N HIS A 40 9.10 -19.85 -10.20
CA HIS A 40 7.81 -20.49 -9.86
C HIS A 40 8.02 -21.29 -8.59
N ASP A 41 7.18 -21.07 -7.59
CA ASP A 41 7.33 -21.82 -6.32
C ASP A 41 6.05 -22.66 -6.20
N THR A 42 6.24 -23.97 -6.37
CA THR A 42 5.08 -24.89 -6.29
C THR A 42 4.48 -24.98 -4.88
N SER A 43 5.14 -24.50 -3.87
CA SER A 43 4.64 -24.48 -2.50
C SER A 43 3.58 -23.39 -2.25
N LEU A 44 3.51 -22.35 -3.03
CA LEU A 44 2.54 -21.25 -2.92
C LEU A 44 1.10 -21.69 -3.11
N LYS A 45 0.24 -21.36 -2.16
CA LYS A 45 -1.21 -21.68 -2.26
C LYS A 45 -1.90 -20.35 -2.70
N PRO A 46 -3.10 -20.49 -3.23
CA PRO A 46 -3.91 -19.34 -3.58
C PRO A 46 -4.15 -18.50 -2.31
N ILE A 47 -4.17 -17.20 -2.57
CA ILE A 47 -4.46 -16.27 -1.46
C ILE A 47 -6.02 -16.29 -1.28
N SER A 48 -6.38 -16.21 -0.03
CA SER A 48 -7.81 -16.18 0.33
C SER A 48 -8.04 -14.96 1.24
N VAL A 49 -8.95 -14.08 0.81
CA VAL A 49 -9.28 -12.92 1.63
C VAL A 49 -10.69 -13.16 2.16
N SER A 50 -10.91 -12.85 3.41
CA SER A 50 -12.21 -12.95 4.05
C SER A 50 -12.38 -11.78 5.00
N TYR A 51 -12.93 -10.70 4.45
CA TYR A 51 -13.15 -9.46 5.17
C TYR A 51 -14.63 -9.23 5.45
N ASN A 52 -14.88 -8.73 6.62
CA ASN A 52 -16.21 -8.42 7.16
C ASN A 52 -16.41 -6.90 7.00
N PRO A 53 -17.41 -6.50 6.27
CA PRO A 53 -17.65 -5.07 5.98
C PRO A 53 -17.84 -4.23 7.20
N ALA A 54 -18.37 -4.81 8.28
CA ALA A 54 -18.64 -4.11 9.52
C ALA A 54 -17.41 -3.77 10.32
N THR A 55 -16.21 -4.12 9.85
CA THR A 55 -14.94 -3.86 10.43
C THR A 55 -14.43 -2.46 9.92
N ALA A 56 -15.04 -1.98 8.86
CA ALA A 56 -14.62 -0.64 8.33
C ALA A 56 -14.95 0.35 9.43
N LYS A 57 -13.97 1.21 9.72
CA LYS A 57 -14.21 2.19 10.76
C LYS A 57 -14.01 3.67 10.39
N GLU A 58 -12.85 4.11 9.92
CA GLU A 58 -12.70 5.57 9.62
C GLU A 58 -11.76 5.86 8.47
N ILE A 59 -11.85 7.05 7.91
CA ILE A 59 -10.99 7.63 6.85
C ILE A 59 -10.29 8.83 7.47
N ILE A 60 -8.98 8.94 7.25
CA ILE A 60 -8.22 10.02 7.92
C ILE A 60 -7.11 10.59 7.02
N ASN A 61 -6.98 11.90 7.11
CA ASN A 61 -5.91 12.60 6.32
C ASN A 61 -4.70 12.69 7.24
N VAL A 62 -3.61 12.07 6.86
CA VAL A 62 -2.38 12.01 7.62
C VAL A 62 -1.29 12.85 6.96
N GLY A 63 -1.72 13.73 6.08
CA GLY A 63 -0.77 14.69 5.51
C GLY A 63 -0.06 14.32 4.26
N HIS A 64 0.63 13.20 4.27
CA HIS A 64 1.36 12.71 3.08
C HIS A 64 0.45 11.76 2.28
N SER A 65 -0.71 11.41 2.85
CA SER A 65 -1.63 10.49 2.19
C SER A 65 -2.91 10.40 3.04
N PHE A 66 -3.82 9.51 2.70
CA PHE A 66 -5.07 9.28 3.44
C PHE A 66 -5.15 7.74 3.77
N HIS A 67 -5.66 7.42 4.95
CA HIS A 67 -5.84 6.00 5.36
C HIS A 67 -7.30 5.66 5.69
N VAL A 68 -7.72 4.47 5.28
CA VAL A 68 -8.99 3.81 5.53
C VAL A 68 -8.68 2.74 6.60
N ASN A 69 -9.08 3.03 7.84
CA ASN A 69 -8.78 2.11 8.96
C ASN A 69 -9.94 1.17 9.30
N PHE A 70 -9.51 -0.03 9.75
CA PHE A 70 -10.37 -1.11 10.13
C PHE A 70 -10.12 -1.55 11.60
N GLU A 71 -11.23 -1.89 12.25
CA GLU A 71 -11.18 -2.43 13.62
C GLU A 71 -10.36 -3.75 13.56
N ASP A 72 -9.36 -3.86 14.38
CA ASP A 72 -8.47 -5.08 14.35
C ASP A 72 -8.33 -5.70 15.74
N ASN A 73 -9.43 -5.94 16.37
CA ASN A 73 -9.52 -6.49 17.72
C ASN A 73 -9.81 -7.99 17.68
N ASP A 74 -10.31 -8.40 16.53
CA ASP A 74 -10.75 -9.76 16.21
C ASP A 74 -10.11 -10.21 14.87
N ASN A 75 -10.52 -11.45 14.63
CA ASN A 75 -10.12 -12.09 13.38
C ASN A 75 -11.30 -12.13 12.41
N ARG A 76 -12.10 -11.07 12.45
CA ARG A 76 -13.24 -10.96 11.50
C ARG A 76 -12.76 -10.75 10.08
N SER A 77 -11.63 -10.05 9.89
CA SER A 77 -11.15 -9.76 8.48
C SER A 77 -9.69 -10.18 8.43
N VAL A 78 -9.40 -11.19 7.65
CA VAL A 78 -8.13 -11.81 7.53
C VAL A 78 -7.83 -12.26 6.09
N LEU A 79 -6.52 -12.36 5.97
CA LEU A 79 -5.89 -12.85 4.76
C LEU A 79 -5.21 -14.17 5.21
N LYS A 80 -5.30 -15.14 4.34
CA LYS A 80 -4.68 -16.46 4.52
C LYS A 80 -4.21 -17.00 3.18
N GLY A 81 -3.40 -18.07 3.21
CA GLY A 81 -2.95 -18.72 1.97
C GLY A 81 -1.64 -18.06 1.53
N GLY A 82 -1.43 -18.05 0.20
CA GLY A 82 -0.16 -17.49 -0.30
C GLY A 82 1.01 -18.25 0.35
N PRO A 83 2.00 -17.50 0.78
CA PRO A 83 3.21 -18.08 1.41
C PRO A 83 3.10 -18.31 2.90
N PHE A 84 1.96 -18.00 3.49
CA PHE A 84 1.66 -18.04 4.88
C PHE A 84 1.06 -19.33 5.45
N SER A 85 1.40 -19.49 6.73
CA SER A 85 0.94 -20.60 7.56
C SER A 85 -0.06 -20.01 8.58
N ASP A 86 0.14 -18.71 8.80
CA ASP A 86 -0.73 -18.03 9.80
C ASP A 86 -1.69 -17.13 9.03
N SER A 87 -2.62 -16.62 9.77
CA SER A 87 -3.67 -15.70 9.21
C SER A 87 -3.21 -14.30 9.60
N TYR A 88 -3.44 -13.34 8.69
CA TYR A 88 -3.05 -11.91 8.95
C TYR A 88 -4.36 -11.09 8.99
N ARG A 89 -4.51 -10.27 10.00
CA ARG A 89 -5.57 -9.37 10.35
C ARG A 89 -5.40 -8.05 9.55
N LEU A 90 -6.44 -7.75 8.83
CA LEU A 90 -6.51 -6.54 8.00
C LEU A 90 -6.59 -5.35 8.99
N PHE A 91 -5.84 -4.32 8.72
CA PHE A 91 -5.89 -3.10 9.55
C PHE A 91 -6.09 -1.84 8.66
N GLN A 92 -5.65 -1.89 7.41
CA GLN A 92 -5.83 -0.62 6.63
C GLN A 92 -5.62 -0.83 5.15
N PHE A 93 -6.08 0.16 4.39
CA PHE A 93 -5.78 0.25 2.92
C PHE A 93 -5.47 1.76 2.66
N HIS A 94 -4.60 1.98 1.68
CA HIS A 94 -4.23 3.36 1.26
C HIS A 94 -3.74 3.28 -0.21
N PHE A 95 -3.46 4.44 -0.79
CA PHE A 95 -2.99 4.48 -2.19
C PHE A 95 -1.68 5.24 -2.29
N HIS A 96 -1.01 5.15 -3.39
CA HIS A 96 0.22 5.84 -3.79
C HIS A 96 0.02 6.34 -5.24
N TRP A 97 0.46 7.56 -5.49
CA TRP A 97 0.25 8.14 -6.87
C TRP A 97 1.39 9.08 -7.12
N GLY A 98 1.48 9.63 -8.35
CA GLY A 98 2.59 10.56 -8.64
C GLY A 98 1.97 11.87 -9.18
N SER A 99 2.85 12.84 -9.40
CA SER A 99 2.40 14.15 -9.97
C SER A 99 1.86 14.04 -11.37
N THR A 100 2.12 13.02 -12.15
CA THR A 100 1.54 12.79 -13.48
C THR A 100 0.68 11.51 -13.41
N ASN A 101 -0.35 11.44 -14.21
CA ASN A 101 -1.29 10.36 -14.29
C ASN A 101 -0.66 9.09 -14.89
N GLU A 102 0.46 9.21 -15.55
CA GLU A 102 1.06 8.02 -16.18
C GLU A 102 2.05 7.28 -15.32
N HIS A 103 2.71 8.01 -14.43
CA HIS A 103 3.78 7.39 -13.63
C HIS A 103 3.64 7.71 -12.15
N GLY A 104 3.06 6.78 -11.39
CA GLY A 104 2.93 7.02 -9.96
C GLY A 104 2.92 5.78 -9.08
N SER A 105 3.20 4.60 -9.57
CA SER A 105 3.21 3.37 -8.75
C SER A 105 4.55 3.31 -8.01
N GLU A 106 4.66 2.42 -7.05
CA GLU A 106 5.88 2.20 -6.26
C GLU A 106 6.65 1.07 -6.93
N HIS A 107 6.03 -0.09 -7.05
CA HIS A 107 6.61 -1.23 -7.74
C HIS A 107 6.46 -1.05 -9.27
N THR A 108 7.42 -1.55 -9.99
CA THR A 108 7.50 -1.53 -11.42
C THR A 108 7.65 -2.99 -11.88
N VAL A 109 7.23 -3.21 -13.11
CA VAL A 109 7.31 -4.57 -13.72
C VAL A 109 8.02 -4.45 -15.05
N ASP A 110 9.11 -5.17 -15.23
CA ASP A 110 9.95 -5.13 -16.44
C ASP A 110 10.40 -3.70 -16.76
N GLY A 111 10.68 -2.96 -15.73
CA GLY A 111 11.11 -1.58 -15.73
C GLY A 111 10.00 -0.59 -16.01
N VAL A 112 8.77 -1.00 -16.10
CA VAL A 112 7.57 -0.26 -16.39
C VAL A 112 6.85 0.23 -15.14
N LYS A 113 6.73 1.56 -15.08
CA LYS A 113 6.04 2.20 -13.95
C LYS A 113 4.57 2.39 -14.33
N TYR A 114 3.63 2.01 -13.49
CA TYR A 114 2.19 2.13 -13.62
C TYR A 114 1.77 3.49 -13.02
N SER A 115 0.48 3.78 -13.07
CA SER A 115 -0.06 5.08 -12.70
C SER A 115 -0.22 5.36 -11.22
N ALA A 116 -0.49 4.27 -10.50
CA ALA A 116 -0.81 4.38 -9.08
C ALA A 116 -0.75 2.94 -8.49
N GLU A 117 -0.93 2.86 -7.21
CA GLU A 117 -0.86 1.51 -6.56
C GLU A 117 -1.69 1.49 -5.32
N LEU A 118 -2.48 0.48 -5.09
CA LEU A 118 -3.29 0.28 -3.89
C LEU A 118 -2.53 -0.71 -2.94
N HIS A 119 -2.43 -0.42 -1.67
CA HIS A 119 -1.80 -1.23 -0.65
C HIS A 119 -2.86 -1.60 0.42
N VAL A 120 -3.03 -2.89 0.62
CA VAL A 120 -3.96 -3.47 1.62
C VAL A 120 -3.02 -4.21 2.64
N ALA A 121 -2.98 -3.65 3.83
CA ALA A 121 -2.07 -4.06 4.92
C ALA A 121 -2.75 -4.85 5.99
N HIS A 122 -2.01 -5.81 6.47
CA HIS A 122 -2.43 -6.73 7.54
C HIS A 122 -1.27 -6.99 8.52
N TRP A 123 -1.59 -7.37 9.76
CA TRP A 123 -0.50 -7.64 10.74
C TRP A 123 -0.68 -9.07 11.30
N ASN A 124 0.44 -9.62 11.70
CA ASN A 124 0.45 -11.06 12.17
C ASN A 124 -0.16 -11.17 13.56
N SER A 125 -1.42 -11.54 13.63
CA SER A 125 -2.15 -11.67 14.89
C SER A 125 -1.83 -13.02 15.57
N ALA A 126 -1.34 -13.96 14.76
CA ALA A 126 -1.03 -15.31 15.32
C ALA A 126 0.23 -15.25 16.14
N LYS A 127 1.13 -14.33 15.87
CA LYS A 127 2.40 -14.16 16.53
C LYS A 127 2.49 -13.01 17.50
N TYR A 128 1.95 -11.82 17.13
CA TYR A 128 2.18 -10.65 18.01
C TYR A 128 0.95 -10.21 18.73
N SER A 129 1.09 -9.29 19.66
CA SER A 129 -0.03 -8.79 20.47
C SER A 129 -0.81 -7.63 19.91
N SER A 130 -0.06 -6.80 19.19
CA SER A 130 -0.61 -5.58 18.59
C SER A 130 0.13 -5.21 17.31
N LEU A 131 -0.45 -4.25 16.58
CA LEU A 131 0.22 -3.80 15.34
C LEU A 131 1.61 -3.20 15.66
N ALA A 132 1.67 -2.45 16.74
CA ALA A 132 2.88 -1.76 17.22
C ALA A 132 4.07 -2.68 17.39
N GLU A 133 3.77 -3.82 17.96
CA GLU A 133 4.74 -4.89 18.21
C GLU A 133 5.19 -5.52 16.89
N ALA A 134 4.19 -5.98 16.16
CA ALA A 134 4.37 -6.65 14.86
C ALA A 134 5.11 -5.85 13.85
N ALA A 135 4.98 -4.54 13.84
CA ALA A 135 5.54 -3.58 12.92
C ALA A 135 7.02 -3.59 12.68
N SER A 136 7.85 -4.01 13.64
CA SER A 136 9.30 -4.00 13.33
C SER A 136 9.85 -5.42 13.20
N LYS A 137 8.97 -6.40 13.23
CA LYS A 137 9.42 -7.81 13.10
C LYS A 137 9.41 -8.26 11.65
N ALA A 138 10.32 -9.14 11.29
CA ALA A 138 10.49 -9.69 9.96
C ALA A 138 9.26 -10.28 9.34
N ASP A 139 8.42 -10.95 10.11
CA ASP A 139 7.18 -11.59 9.69
C ASP A 139 5.95 -10.84 10.23
N GLY A 140 6.13 -9.64 10.70
CA GLY A 140 5.11 -8.78 11.27
C GLY A 140 3.94 -8.34 10.42
N LEU A 141 4.22 -7.91 9.20
CA LEU A 141 3.22 -7.41 8.24
C LEU A 141 3.14 -8.11 6.91
N ALA A 142 1.93 -8.12 6.36
CA ALA A 142 1.69 -8.62 4.99
C ALA A 142 0.99 -7.52 4.16
N VAL A 143 1.57 -7.09 3.04
CA VAL A 143 0.85 -6.08 2.24
C VAL A 143 0.51 -6.58 0.82
N ILE A 144 -0.75 -6.40 0.42
CA ILE A 144 -1.11 -6.77 -0.99
C ILE A 144 -0.99 -5.48 -1.81
N GLY A 145 -0.20 -5.51 -2.87
CA GLY A 145 -0.08 -4.32 -3.75
C GLY A 145 -0.79 -4.65 -5.10
N VAL A 146 -1.61 -3.72 -5.57
CA VAL A 146 -2.34 -3.91 -6.85
C VAL A 146 -2.01 -2.66 -7.69
N LEU A 147 -1.44 -2.93 -8.83
CA LEU A 147 -1.02 -1.92 -9.82
C LEU A 147 -2.26 -1.39 -10.53
N MET A 148 -2.26 -0.11 -10.74
CA MET A 148 -3.42 0.61 -11.35
C MET A 148 -2.92 1.28 -12.63
N LYS A 149 -3.72 1.09 -13.63
CA LYS A 149 -3.36 1.62 -15.00
C LYS A 149 -4.42 2.52 -15.56
N VAL A 150 -4.02 3.74 -15.83
CA VAL A 150 -4.91 4.79 -16.38
C VAL A 150 -5.56 4.28 -17.67
N GLY A 151 -6.88 4.46 -17.67
CA GLY A 151 -7.74 4.03 -18.83
C GLY A 151 -9.18 4.40 -18.45
N GLU A 152 -10.04 3.39 -18.48
CA GLU A 152 -11.46 3.60 -18.10
C GLU A 152 -11.70 3.87 -16.63
N ALA A 153 -12.69 4.71 -16.30
CA ALA A 153 -13.01 5.00 -14.88
C ALA A 153 -13.43 3.64 -14.25
N ASN A 154 -13.12 3.53 -12.95
CA ASN A 154 -13.41 2.33 -12.13
C ASN A 154 -14.48 2.69 -11.11
N PRO A 155 -15.65 2.10 -11.29
CA PRO A 155 -16.79 2.36 -10.43
C PRO A 155 -16.65 1.92 -9.01
N LYS A 156 -15.79 0.96 -8.72
CA LYS A 156 -15.62 0.49 -7.30
C LYS A 156 -14.88 1.47 -6.43
N LEU A 157 -14.24 2.47 -6.99
CA LEU A 157 -13.54 3.49 -6.24
C LEU A 157 -14.46 4.58 -5.71
N GLN A 158 -15.64 4.65 -6.23
CA GLN A 158 -16.59 5.75 -5.89
C GLN A 158 -16.77 6.07 -4.43
N LYS A 159 -17.09 5.08 -3.62
CA LYS A 159 -17.31 5.30 -2.17
C LYS A 159 -16.10 5.95 -1.50
N VAL A 160 -14.92 5.57 -1.91
CA VAL A 160 -13.68 6.17 -1.34
C VAL A 160 -13.58 7.63 -1.82
N LEU A 161 -13.79 7.84 -3.12
CA LEU A 161 -13.69 9.23 -3.62
C LEU A 161 -14.73 10.16 -2.97
N ASP A 162 -15.94 9.68 -2.74
CA ASP A 162 -16.93 10.61 -2.15
C ASP A 162 -16.58 10.97 -0.70
N ALA A 163 -15.88 10.05 -0.01
CA ALA A 163 -15.52 10.27 1.39
C ALA A 163 -14.47 11.36 1.53
N LEU A 164 -13.66 11.58 0.52
CA LEU A 164 -12.60 12.55 0.48
C LEU A 164 -13.00 13.97 0.78
N GLN A 165 -14.23 14.34 0.49
CA GLN A 165 -14.65 15.73 0.73
C GLN A 165 -14.58 16.13 2.18
N ALA A 166 -14.82 15.15 3.04
CA ALA A 166 -14.80 15.39 4.47
C ALA A 166 -13.45 15.38 5.15
N ILE A 167 -12.35 15.05 4.51
CA ILE A 167 -11.04 15.00 5.19
C ILE A 167 -10.03 15.72 4.28
N LYS A 168 -10.45 16.93 3.94
CA LYS A 168 -9.69 17.77 3.01
C LYS A 168 -8.33 18.10 3.49
N THR A 169 -8.20 18.38 4.78
CA THR A 169 -6.94 18.80 5.39
C THR A 169 -6.43 17.84 6.45
N LYS A 170 -5.16 17.95 6.71
CA LYS A 170 -4.40 17.11 7.65
C LYS A 170 -4.97 17.06 9.04
N GLY A 171 -5.19 15.80 9.49
CA GLY A 171 -5.82 15.61 10.81
C GLY A 171 -7.34 15.46 10.72
N LYS A 172 -7.99 15.68 9.60
CA LYS A 172 -9.47 15.47 9.52
C LYS A 172 -9.74 13.97 9.44
N ARG A 173 -10.84 13.53 10.00
CA ARG A 173 -11.19 12.09 10.03
C ARG A 173 -12.72 12.02 9.97
N ALA A 174 -13.22 10.95 9.45
CA ALA A 174 -14.63 10.70 9.27
C ALA A 174 -14.93 9.18 9.33
N PRO A 175 -16.12 8.92 9.85
CA PRO A 175 -16.61 7.54 9.95
C PRO A 175 -16.62 7.00 8.50
N PHE A 176 -16.25 5.76 8.34
CA PHE A 176 -16.21 5.13 6.97
C PHE A 176 -16.60 3.71 7.31
N THR A 177 -17.81 3.30 6.94
CA THR A 177 -18.23 1.96 7.38
C THR A 177 -18.86 1.10 6.32
N ASN A 178 -19.11 -0.15 6.73
CA ASN A 178 -19.74 -1.14 5.83
C ASN A 178 -19.02 -1.18 4.51
N PHE A 179 -17.77 -1.59 4.52
CA PHE A 179 -17.03 -1.60 3.22
C PHE A 179 -16.07 -2.81 3.26
N ASP A 180 -16.18 -3.52 2.16
CA ASP A 180 -15.40 -4.71 1.84
C ASP A 180 -14.41 -4.35 0.71
N PRO A 181 -13.16 -4.23 1.13
CA PRO A 181 -12.05 -3.87 0.26
C PRO A 181 -11.69 -4.91 -0.74
N SER A 182 -12.14 -6.16 -0.54
CA SER A 182 -11.82 -7.21 -1.54
C SER A 182 -12.50 -6.91 -2.87
N THR A 183 -13.43 -5.98 -2.86
CA THR A 183 -14.20 -5.52 -4.01
C THR A 183 -13.26 -4.72 -4.94
N LEU A 184 -12.15 -4.27 -4.43
CA LEU A 184 -11.14 -3.49 -5.16
C LEU A 184 -10.08 -4.36 -5.82
N LEU A 185 -10.00 -5.61 -5.47
CA LEU A 185 -8.96 -6.52 -6.09
C LEU A 185 -9.40 -7.04 -7.45
N PRO A 186 -8.42 -7.35 -8.28
CA PRO A 186 -8.66 -7.91 -9.60
C PRO A 186 -9.35 -9.26 -9.46
N SER A 187 -9.86 -9.70 -10.61
CA SER A 187 -10.55 -10.99 -10.70
C SER A 187 -9.68 -12.19 -10.41
N SER A 188 -8.52 -12.21 -10.99
CA SER A 188 -7.54 -13.33 -10.74
C SER A 188 -6.56 -12.78 -9.68
N LEU A 189 -6.20 -13.70 -8.77
CA LEU A 189 -5.31 -13.45 -7.68
C LEU A 189 -3.93 -14.08 -7.80
N ASP A 190 -3.49 -14.35 -9.02
CA ASP A 190 -2.10 -14.87 -9.25
C ASP A 190 -1.15 -13.75 -8.75
N PHE A 191 0.02 -14.08 -8.20
CA PHE A 191 0.87 -13.04 -7.65
C PHE A 191 2.33 -13.35 -7.71
N TRP A 192 3.06 -12.31 -7.33
CA TRP A 192 4.50 -12.31 -7.09
C TRP A 192 4.70 -11.95 -5.60
N THR A 193 5.70 -12.54 -4.95
CA THR A 193 6.01 -12.28 -3.53
C THR A 193 7.52 -12.18 -3.30
N TYR A 194 7.87 -11.27 -2.39
CA TYR A 194 9.29 -11.09 -1.98
C TYR A 194 9.30 -10.45 -0.60
N PRO A 195 10.38 -10.67 0.15
CA PRO A 195 10.52 -10.06 1.48
C PRO A 195 11.02 -8.61 1.32
N GLY A 196 10.32 -7.68 1.91
CA GLY A 196 10.73 -6.25 1.76
C GLY A 196 10.44 -5.43 2.97
N SER A 197 10.12 -4.14 2.75
CA SER A 197 9.86 -3.24 3.90
C SER A 197 8.72 -2.26 3.67
N LEU A 198 8.52 -1.43 4.69
CA LEU A 198 7.56 -0.28 4.64
C LEU A 198 8.18 0.65 3.60
N THR A 199 7.39 1.30 2.76
CA THR A 199 7.90 2.14 1.68
C THR A 199 8.14 3.61 2.14
N HIS A 200 7.82 3.88 3.36
CA HIS A 200 8.09 5.23 3.96
C HIS A 200 8.49 5.06 5.41
N PRO A 201 9.11 6.12 5.98
CA PRO A 201 9.58 6.07 7.37
C PRO A 201 8.54 5.58 8.32
N PRO A 202 8.92 4.80 9.32
CA PRO A 202 10.24 4.31 9.67
C PRO A 202 10.91 3.24 8.84
N LEU A 203 10.38 2.82 7.71
CA LEU A 203 11.01 1.88 6.81
C LEU A 203 11.46 0.51 7.35
N TYR A 204 10.78 0.01 8.37
CA TYR A 204 11.07 -1.33 8.96
C TYR A 204 11.03 -2.41 7.86
N GLU A 205 11.97 -3.35 7.98
CA GLU A 205 12.03 -4.47 7.02
C GLU A 205 11.23 -5.60 7.62
N SER A 206 9.88 -5.39 7.65
CA SER A 206 8.91 -6.27 8.24
C SER A 206 7.77 -6.74 7.36
N VAL A 207 7.89 -6.53 6.07
CA VAL A 207 6.81 -6.86 5.14
C VAL A 207 7.06 -7.99 4.17
N THR A 208 6.03 -8.78 4.06
CA THR A 208 6.00 -9.86 3.04
C THR A 208 5.06 -9.29 1.96
N TRP A 209 5.68 -8.89 0.85
CA TRP A 209 4.89 -8.36 -0.27
C TRP A 209 4.15 -9.39 -1.07
N ILE A 210 2.91 -9.09 -1.43
CA ILE A 210 2.09 -9.85 -2.33
C ILE A 210 1.72 -8.91 -3.52
N ILE A 211 2.36 -9.00 -4.64
CA ILE A 211 2.04 -8.12 -5.81
C ILE A 211 1.16 -8.91 -6.78
N CYS A 212 0.00 -8.37 -7.10
CA CYS A 212 -0.97 -9.00 -7.99
C CYS A 212 -0.49 -8.85 -9.43
N LYS A 213 -0.60 -9.96 -10.16
CA LYS A 213 -0.18 -10.00 -11.54
C LYS A 213 -1.10 -9.15 -12.41
N GLU A 214 -2.37 -9.14 -12.09
CA GLU A 214 -3.38 -8.36 -12.86
C GLU A 214 -3.56 -6.97 -12.27
N SER A 215 -3.65 -6.02 -13.21
CA SER A 215 -3.87 -4.60 -12.75
C SER A 215 -5.36 -4.30 -12.85
N ILE A 216 -5.76 -3.22 -12.21
CA ILE A 216 -7.13 -2.69 -12.20
C ILE A 216 -7.01 -1.28 -12.83
N SER A 217 -8.10 -0.71 -13.29
CA SER A 217 -8.06 0.61 -13.93
C SER A 217 -8.45 1.70 -12.97
N VAL A 218 -8.33 2.87 -13.57
CA VAL A 218 -8.66 4.15 -12.91
C VAL A 218 -8.61 5.20 -14.04
N SER A 219 -9.41 6.24 -13.87
CA SER A 219 -9.33 7.31 -14.93
C SER A 219 -8.49 8.46 -14.39
N SER A 220 -8.05 9.32 -15.34
CA SER A 220 -7.24 10.47 -14.94
C SER A 220 -8.02 11.40 -14.00
N GLU A 221 -9.36 11.47 -14.15
CA GLU A 221 -10.11 12.33 -13.24
C GLU A 221 -10.19 11.72 -11.84
N GLN A 222 -10.20 10.38 -11.78
CA GLN A 222 -10.17 9.79 -10.41
C GLN A 222 -8.86 10.14 -9.72
N LEU A 223 -7.73 10.07 -10.42
CA LEU A 223 -6.42 10.38 -9.84
C LEU A 223 -6.28 11.82 -9.38
N ALA A 224 -6.95 12.70 -10.17
CA ALA A 224 -6.91 14.14 -9.92
C ALA A 224 -7.59 14.47 -8.60
N GLN A 225 -8.53 13.68 -8.16
CA GLN A 225 -9.23 13.80 -6.88
C GLN A 225 -8.26 13.47 -5.74
N PHE A 226 -7.38 12.49 -5.87
CA PHE A 226 -6.41 12.20 -4.79
C PHE A 226 -5.44 13.40 -4.64
N ARG A 227 -5.02 13.82 -5.87
CA ARG A 227 -4.04 14.93 -5.99
C ARG A 227 -4.55 16.26 -5.50
N SER A 228 -5.82 16.43 -5.26
CA SER A 228 -6.51 17.58 -4.77
C SER A 228 -6.58 17.68 -3.24
N LEU A 229 -6.32 16.58 -2.50
CA LEU A 229 -6.31 16.68 -1.01
C LEU A 229 -5.16 17.58 -0.56
N LEU A 230 -5.27 18.09 0.66
CA LEU A 230 -4.27 19.04 1.15
C LEU A 230 -3.42 18.48 2.26
N SER A 231 -2.18 18.89 2.24
CA SER A 231 -1.21 18.41 3.28
C SER A 231 -1.21 19.36 4.44
N ASN A 232 -1.78 20.55 4.26
CA ASN A 232 -1.75 21.50 5.41
C ASN A 232 -2.89 21.32 6.37
N VAL A 233 -2.72 21.91 7.59
CA VAL A 233 -3.86 21.90 8.51
C VAL A 233 -4.84 22.99 8.00
N GLU A 234 -6.08 22.87 8.41
CA GLU A 234 -7.14 23.75 8.03
C GLU A 234 -6.86 25.18 8.47
N GLY A 235 -7.17 26.13 7.59
CA GLY A 235 -6.87 27.54 7.97
C GLY A 235 -5.61 28.09 7.31
N ASP A 236 -4.61 27.26 7.10
CA ASP A 236 -3.32 27.59 6.50
C ASP A 236 -3.40 27.68 4.97
N ASN A 237 -2.29 28.06 4.36
CA ASN A 237 -2.15 28.16 2.90
C ASN A 237 -2.18 26.71 2.33
N ALA A 238 -2.83 26.52 1.23
CA ALA A 238 -3.04 25.23 0.52
C ALA A 238 -1.82 24.66 -0.12
N VAL A 239 -1.44 23.43 0.23
CA VAL A 239 -0.26 22.70 -0.29
C VAL A 239 -0.77 21.29 -0.68
N PRO A 240 -0.98 21.05 -1.95
CA PRO A 240 -1.55 19.77 -2.39
C PRO A 240 -0.62 18.61 -2.16
N MET A 241 -1.33 17.50 -2.08
CA MET A 241 -0.72 16.16 -1.89
C MET A 241 -0.39 15.66 -3.30
N GLN A 242 0.61 16.28 -3.89
CA GLN A 242 1.05 16.06 -5.27
C GLN A 242 1.58 14.67 -5.62
N HIS A 243 2.31 14.03 -4.71
CA HIS A 243 2.87 12.70 -5.00
C HIS A 243 3.33 12.11 -3.65
N ASN A 244 3.44 10.81 -3.60
CA ASN A 244 3.82 10.08 -2.40
C ASN A 244 4.36 8.69 -2.80
N ASN A 245 5.15 8.61 -3.85
CA ASN A 245 5.72 7.29 -4.24
C ASN A 245 7.25 7.29 -4.07
N ARG A 246 7.81 6.18 -3.58
CA ARG A 246 9.30 6.09 -3.44
C ARG A 246 9.92 5.35 -4.64
N PRO A 247 11.10 5.80 -5.11
CA PRO A 247 11.78 5.13 -6.20
C PRO A 247 12.12 3.69 -5.79
N THR A 248 12.27 2.81 -6.79
CA THR A 248 12.60 1.41 -6.52
C THR A 248 14.00 1.26 -5.93
N GLN A 249 14.13 0.18 -5.14
CA GLN A 249 15.46 -0.04 -4.48
C GLN A 249 16.10 -1.32 -5.05
N PRO A 250 17.42 -1.40 -4.88
CA PRO A 250 18.17 -2.58 -5.31
C PRO A 250 17.64 -3.82 -4.61
N LEU A 251 17.57 -4.88 -5.41
CA LEU A 251 17.12 -6.21 -4.98
C LEU A 251 18.07 -6.82 -3.96
N LYS A 252 19.38 -6.59 -4.09
CA LYS A 252 20.41 -7.11 -3.17
C LYS A 252 20.36 -8.60 -2.93
N GLY A 253 20.12 -9.32 -4.00
CA GLY A 253 20.02 -10.74 -4.09
C GLY A 253 18.79 -11.43 -3.62
N ARG A 254 17.68 -10.71 -3.49
CA ARG A 254 16.38 -11.31 -3.06
C ARG A 254 15.83 -11.99 -4.30
N THR A 255 14.89 -12.89 -4.10
CA THR A 255 14.24 -13.67 -5.14
C THR A 255 12.76 -13.34 -5.14
N VAL A 256 12.22 -13.05 -6.32
CA VAL A 256 10.80 -12.80 -6.49
C VAL A 256 10.13 -14.10 -6.98
N ARG A 257 9.35 -14.69 -6.07
CA ARG A 257 8.60 -15.90 -6.36
C ARG A 257 7.28 -15.58 -7.07
N ALA A 258 6.93 -16.45 -8.02
CA ALA A 258 5.68 -16.45 -8.76
C ALA A 258 4.82 -17.65 -8.39
N SER A 259 3.52 -17.39 -8.27
CA SER A 259 2.60 -18.46 -7.93
C SER A 259 2.07 -19.20 -9.15
N PHE A 260 2.60 -18.88 -10.32
CA PHE A 260 2.18 -19.45 -11.61
C PHE A 260 3.44 -19.63 -12.48
ZN ZN B . 1.75 2.02 0.86
C1 AZM C . 3.60 1.18 4.72
C2 AZM C . 3.27 1.75 6.97
C3 AZM C . 2.22 0.49 8.74
C4 AZM C . 1.78 0.43 10.14
N1 AZM C . 3.26 1.87 2.17
N2 AZM C . 4.19 2.49 6.34
N3 AZM C . 4.41 2.11 5.07
N4 AZM C . 3.02 1.52 8.34
O1 AZM C . 2.22 -0.15 3.09
O2 AZM C . 4.65 -0.10 2.68
O3 AZM C . 1.86 -0.41 7.97
S1 AZM C . 3.49 0.58 3.06
S2 AZM C . 2.58 0.58 5.94
#